data_6H2U
#
_entry.id   6H2U
#
_cell.length_a   56.887
_cell.length_b   70.634
_cell.length_c   84.776
_cell.angle_alpha   90.000
_cell.angle_beta   90.000
_cell.angle_gamma   90.000
#
_symmetry.space_group_name_H-M   'P 21 21 21'
#
loop_
_entity.id
_entity.type
_entity.pdbx_description
1 polymer 'Methyltransferase-like protein 5'
2 polymer 'Multifunctional methyltransferase subunit TRM112-like protein'
3 non-polymer S-ADENOSYLMETHIONINE
4 non-polymer 1,2-ETHANEDIOL
5 non-polymer 'SULFATE ION'
6 water water
#
loop_
_entity_poly.entity_id
_entity_poly.type
_entity_poly.pdbx_seq_one_letter_code
_entity_poly.pdbx_strand_id
1 'polypeptide(L)'
;MKKVRLKELESRLQQVDGFEKPKLLLEQYPTRPHIAACMLYTIHNTYDDIENKVVADLGCGCGVLSIGTAMLGAGLCVGF
DIDEDALEIFNRNAEEFELTNIDMVQCDV(CSO)LLSNRMSKSFDTVIMNPPFGTKNNKGTDMAFLKTALEMARTAVYSL
HKSSTREHVQKKAAEWKIKIDIIAELRYDLPASYKFHKKKSVDIEVDLIRFSFHHHHHH
;
A
2 'polypeptide(L)'
;MKLLTHNLLSSHVRGVGSRGFPLRLQATEVRI(CSO)PVEFNPNFVARMIPKVEWSAFLEAADNLRLIQVPKGPVEGYEE
NEEFLRTMHHLLLEVEVIEGTLQCPESGRMFPISRGIPNMLL
;
B
#
loop_
_chem_comp.id
_chem_comp.type
_chem_comp.name
_chem_comp.formula
EDO non-polymer 1,2-ETHANEDIOL 'C2 H6 O2'
SAM non-polymer S-ADENOSYLMETHIONINE 'C15 H22 N6 O5 S'
SO4 non-polymer 'SULFATE ION' 'O4 S -2'
#
# COMPACT_ATOMS: atom_id res chain seq x y z
N LYS A 3 10.75 -20.07 5.15
CA LYS A 3 10.93 -19.69 3.77
C LYS A 3 9.78 -20.20 2.90
N VAL A 4 9.12 -19.31 2.18
CA VAL A 4 8.05 -19.68 1.26
C VAL A 4 8.66 -19.91 -0.12
N ARG A 5 8.58 -21.13 -0.62
CA ARG A 5 9.16 -21.43 -1.91
C ARG A 5 8.27 -20.90 -3.02
N LEU A 6 8.89 -20.70 -4.19
CA LEU A 6 8.23 -20.01 -5.30
C LEU A 6 6.98 -20.75 -5.77
N LYS A 7 7.06 -22.08 -5.89
CA LYS A 7 5.89 -22.85 -6.33
C LYS A 7 4.78 -22.80 -5.30
N GLU A 8 5.12 -22.82 -4.01
CA GLU A 8 4.09 -22.71 -2.98
C GLU A 8 3.41 -21.35 -3.07
N LEU A 9 4.21 -20.29 -3.18
CA LEU A 9 3.65 -18.95 -3.31
C LEU A 9 2.70 -18.88 -4.49
N GLU A 10 3.14 -19.35 -5.66
CA GLU A 10 2.26 -19.29 -6.83
C GLU A 10 1.00 -20.11 -6.61
N SER A 11 1.12 -21.27 -5.94
CA SER A 11 -0.06 -22.12 -5.78
C SER A 11 -1.07 -21.44 -4.88
N ARG A 12 -0.62 -20.72 -3.85
N ARG A 12 -0.60 -20.76 -3.83
CA ARG A 12 -1.55 -19.99 -3.01
CA ARG A 12 -1.48 -19.96 -2.99
C ARG A 12 -2.16 -18.79 -3.74
C ARG A 12 -2.16 -18.86 -3.80
N LEU A 13 -1.40 -18.16 -4.63
CA LEU A 13 -1.95 -17.03 -5.38
C LEU A 13 -2.95 -17.45 -6.44
N GLN A 14 -2.89 -18.71 -6.91
CA GLN A 14 -3.93 -19.25 -7.78
C GLN A 14 -5.28 -19.29 -7.08
N GLN A 15 -5.32 -19.18 -5.76
CA GLN A 15 -6.57 -19.29 -5.04
C GLN A 15 -7.14 -17.93 -4.66
N VAL A 16 -6.53 -16.85 -5.15
CA VAL A 16 -7.08 -15.52 -4.94
C VAL A 16 -8.21 -15.33 -5.94
N ASP A 17 -9.39 -14.98 -5.44
CA ASP A 17 -10.54 -14.78 -6.31
C ASP A 17 -10.41 -13.47 -7.07
N GLY A 18 -10.83 -13.47 -8.33
CA GLY A 18 -10.76 -12.30 -9.18
C GLY A 18 -12.03 -11.49 -9.17
N PHE A 19 -12.19 -10.70 -10.24
CA PHE A 19 -13.29 -9.75 -10.32
C PHE A 19 -14.57 -10.46 -10.69
N GLU A 20 -15.65 -10.12 -9.98
CA GLU A 20 -16.94 -10.68 -10.36
C GLU A 20 -17.46 -10.01 -11.62
N LYS A 21 -17.25 -8.69 -11.76
CA LYS A 21 -17.76 -7.92 -12.88
C LYS A 21 -16.72 -6.91 -13.26
N PRO A 22 -15.68 -7.29 -14.00
CA PRO A 22 -14.58 -6.36 -14.25
C PRO A 22 -15.05 -5.15 -15.02
N LYS A 23 -14.58 -3.98 -14.58
CA LYS A 23 -14.91 -2.71 -15.20
C LYS A 23 -13.87 -2.42 -16.28
N LEU A 24 -14.31 -2.50 -17.54
N LEU A 24 -14.29 -2.55 -17.54
CA LEU A 24 -13.40 -2.39 -18.66
CA LEU A 24 -13.39 -2.35 -18.68
C LEU A 24 -12.67 -1.04 -18.66
C LEU A 24 -12.64 -1.04 -18.57
N LEU A 25 -13.37 0.05 -18.33
CA LEU A 25 -12.78 1.37 -18.37
C LEU A 25 -11.71 1.57 -17.31
N LEU A 26 -11.68 0.74 -16.28
CA LEU A 26 -10.64 0.81 -15.27
C LEU A 26 -9.54 -0.22 -15.49
N GLU A 27 -9.61 -0.96 -16.60
CA GLU A 27 -8.65 -2.01 -16.93
C GLU A 27 -8.51 -3.02 -15.80
N GLN A 28 -9.64 -3.57 -15.37
CA GLN A 28 -9.68 -4.49 -14.25
C GLN A 28 -9.44 -5.92 -14.74
N TYR A 29 -8.32 -6.50 -14.33
CA TYR A 29 -8.07 -7.94 -14.44
C TYR A 29 -7.07 -8.26 -13.34
N PRO A 30 -7.10 -9.46 -12.77
CA PRO A 30 -6.15 -9.79 -11.71
C PRO A 30 -4.76 -10.03 -12.27
N THR A 31 -3.76 -9.64 -11.50
CA THR A 31 -2.38 -9.99 -11.86
C THR A 31 -2.27 -11.50 -11.95
N ARG A 32 -1.72 -12.01 -13.05
CA ARG A 32 -1.68 -13.46 -13.24
C ARG A 32 -0.76 -14.10 -12.19
N PRO A 33 -1.15 -15.25 -11.62
CA PRO A 33 -0.37 -15.79 -10.49
C PRO A 33 1.09 -16.04 -10.81
N HIS A 34 1.41 -16.51 -12.02
CA HIS A 34 2.81 -16.72 -12.36
C HIS A 34 3.58 -15.40 -12.32
N ILE A 35 2.97 -14.32 -12.83
CA ILE A 35 3.62 -13.01 -12.80
C ILE A 35 3.77 -12.52 -11.37
N ALA A 36 2.68 -12.59 -10.58
CA ALA A 36 2.73 -12.09 -9.22
C ALA A 36 3.74 -12.87 -8.38
N ALA A 37 3.80 -14.18 -8.54
CA ALA A 37 4.71 -14.99 -7.73
C ALA A 37 6.17 -14.67 -8.05
N CYS A 38 6.51 -14.60 -9.35
CA CYS A 38 7.89 -14.30 -9.72
C CYS A 38 8.29 -12.91 -9.29
N CSD A 38 6.48 -14.60 -9.35
CA CSD A 38 7.81 -14.26 -9.81
CB CSD A 38 7.87 -14.28 -11.34
SG CSD A 38 9.51 -14.21 -11.98
C CSD A 38 8.27 -12.91 -9.29
O CSD A 38 9.36 -12.72 -8.73
OD1 CSD A 38 10.46 -14.24 -10.87
OD2 CSD A 38 9.57 -12.54 -12.29
N MET A 39 7.38 -11.93 -9.46
CA MET A 39 7.65 -10.56 -9.06
C MET A 39 7.87 -10.47 -7.55
N LEU A 40 6.94 -11.01 -6.76
CA LEU A 40 7.07 -10.89 -5.30
C LEU A 40 8.24 -11.70 -4.77
N TYR A 41 8.47 -12.90 -5.32
CA TYR A 41 9.60 -13.71 -4.87
C TYR A 41 10.91 -12.97 -5.09
N THR A 42 11.03 -12.26 -6.21
CA THR A 42 12.25 -11.52 -6.49
C THR A 42 12.40 -10.32 -5.57
N ILE A 43 11.31 -9.56 -5.38
CA ILE A 43 11.33 -8.42 -4.45
C ILE A 43 11.83 -8.87 -3.08
N HIS A 44 11.32 -10.00 -2.60
CA HIS A 44 11.68 -10.50 -1.28
C HIS A 44 13.08 -11.08 -1.24
N ASN A 45 13.36 -12.03 -2.13
CA ASN A 45 14.56 -12.84 -1.96
C ASN A 45 15.80 -12.18 -2.54
N THR A 46 15.65 -11.37 -3.58
CA THR A 46 16.80 -10.67 -4.12
C THR A 46 17.03 -9.32 -3.45
N TYR A 47 15.96 -8.55 -3.22
CA TYR A 47 16.11 -7.18 -2.76
C TYR A 47 15.69 -6.96 -1.31
N ASP A 48 15.04 -7.93 -0.67
CA ASP A 48 14.59 -7.83 0.73
C ASP A 48 13.75 -6.57 0.97
N ASP A 49 12.80 -6.32 0.07
CA ASP A 49 12.02 -5.08 0.09
C ASP A 49 10.58 -5.31 0.56
N ILE A 50 10.28 -6.46 1.19
CA ILE A 50 8.94 -6.74 1.69
C ILE A 50 8.93 -7.02 3.19
N GLU A 51 9.79 -7.92 3.66
CA GLU A 51 9.67 -8.39 5.03
C GLU A 51 9.93 -7.26 6.01
N ASN A 52 9.01 -7.10 6.98
CA ASN A 52 9.09 -6.06 8.00
C ASN A 52 8.99 -4.66 7.42
N LYS A 53 8.43 -4.51 6.22
N LYS A 53 8.49 -4.53 6.20
N LYS A 53 8.46 -4.52 6.21
CA LYS A 53 8.32 -3.22 5.56
CA LYS A 53 8.34 -3.24 5.55
CA LYS A 53 8.28 -3.21 5.58
C LYS A 53 6.85 -2.79 5.46
C LYS A 53 6.87 -2.84 5.55
C LYS A 53 6.80 -2.81 5.66
N VAL A 54 6.65 -1.50 5.24
N VAL A 54 6.62 -1.57 5.24
CA VAL A 54 5.34 -0.94 4.91
CA VAL A 54 5.28 -1.08 4.96
C VAL A 54 5.27 -0.85 3.40
C VAL A 54 5.22 -0.82 3.47
N VAL A 55 4.29 -1.50 2.80
CA VAL A 55 4.22 -1.62 1.35
C VAL A 55 2.88 -1.10 0.87
N ALA A 56 2.90 -0.34 -0.23
CA ALA A 56 1.70 0.11 -0.91
C ALA A 56 1.54 -0.65 -2.22
N ASP A 57 0.31 -1.05 -2.52
CA ASP A 57 -0.05 -1.70 -3.78
C ASP A 57 -1.01 -0.76 -4.49
N LEU A 58 -0.53 -0.06 -5.53
CA LEU A 58 -1.38 0.92 -6.21
C LEU A 58 -2.19 0.23 -7.31
N GLY A 59 -3.50 0.49 -7.32
CA GLY A 59 -4.37 -0.23 -8.22
C GLY A 59 -4.47 -1.68 -7.78
N CYS A 60 -4.74 -1.89 -6.49
CA CYS A 60 -4.60 -3.23 -5.91
C CYS A 60 -5.65 -4.22 -6.41
N GLY A 61 -6.78 -3.73 -6.94
CA GLY A 61 -7.75 -4.64 -7.52
C GLY A 61 -8.27 -5.65 -6.51
N CYS A 62 -8.41 -6.90 -6.98
CA CYS A 62 -8.85 -8.01 -6.13
C CYS A 62 -7.79 -8.43 -5.12
N GLY A 63 -6.56 -7.95 -5.25
CA GLY A 63 -5.56 -8.06 -4.21
C GLY A 63 -4.44 -9.06 -4.40
N VAL A 64 -4.25 -9.63 -5.60
CA VAL A 64 -3.25 -10.68 -5.80
C VAL A 64 -1.88 -10.25 -5.26
N LEU A 65 -1.40 -9.06 -5.66
CA LEU A 65 -0.06 -8.65 -5.26
C LEU A 65 0.01 -8.36 -3.76
N SER A 66 -1.07 -7.83 -3.19
CA SER A 66 -1.12 -7.50 -1.77
C SER A 66 -1.21 -8.76 -0.91
N ILE A 67 -2.02 -9.72 -1.34
CA ILE A 67 -2.10 -11.01 -0.64
C ILE A 67 -0.71 -11.66 -0.58
N GLY A 68 0.00 -11.68 -1.72
CA GLY A 68 1.32 -12.28 -1.73
C GLY A 68 2.31 -11.52 -0.86
N THR A 69 2.24 -10.19 -0.89
CA THR A 69 3.13 -9.38 -0.06
C THR A 69 2.91 -9.65 1.42
N ALA A 70 1.64 -9.77 1.82
CA ALA A 70 1.33 -10.04 3.22
C ALA A 70 1.85 -11.41 3.65
N MET A 71 1.79 -12.39 2.74
CA MET A 71 2.26 -13.73 3.04
C MET A 71 3.78 -13.80 3.15
N LEU A 72 4.49 -12.86 2.54
CA LEU A 72 5.94 -12.81 2.64
C LEU A 72 6.42 -11.94 3.79
N GLY A 73 5.55 -11.56 4.72
CA GLY A 73 5.98 -10.99 5.98
C GLY A 73 6.01 -9.48 6.07
N ALA A 74 5.33 -8.78 5.17
CA ALA A 74 5.19 -7.35 5.30
C ALA A 74 4.73 -6.99 6.71
N GLY A 75 5.24 -5.88 7.24
CA GLY A 75 4.66 -5.35 8.45
C GLY A 75 3.22 -4.93 8.23
N LEU A 76 2.95 -4.28 7.10
CA LEU A 76 1.62 -3.86 6.69
C LEU A 76 1.65 -3.62 5.19
N CYS A 77 0.67 -4.18 4.47
CA CYS A 77 0.50 -3.88 3.06
C CYS A 77 -0.82 -3.14 2.91
N VAL A 78 -0.79 -1.95 2.32
CA VAL A 78 -1.98 -1.15 2.12
C VAL A 78 -2.27 -1.09 0.62
N GLY A 79 -3.45 -1.58 0.24
CA GLY A 79 -3.88 -1.53 -1.16
C GLY A 79 -4.72 -0.30 -1.42
N PHE A 80 -4.50 0.31 -2.59
CA PHE A 80 -5.25 1.49 -3.01
C PHE A 80 -5.94 1.19 -4.32
N ASP A 81 -7.25 1.47 -4.40
CA ASP A 81 -7.97 1.30 -5.66
C ASP A 81 -9.12 2.30 -5.72
N ILE A 82 -9.45 2.70 -6.96
CA ILE A 82 -10.55 3.63 -7.16
C ILE A 82 -11.93 2.99 -7.06
N ASP A 83 -12.02 1.66 -7.14
CA ASP A 83 -13.31 0.97 -7.29
C ASP A 83 -13.70 0.24 -6.01
N GLU A 84 -14.84 0.61 -5.43
CA GLU A 84 -15.29 -0.05 -4.21
C GLU A 84 -15.59 -1.52 -4.42
N ASP A 85 -16.02 -1.90 -5.63
CA ASP A 85 -16.32 -3.31 -5.90
C ASP A 85 -15.06 -4.17 -5.84
N ALA A 86 -13.95 -3.66 -6.36
CA ALA A 86 -12.68 -4.39 -6.28
C ALA A 86 -12.25 -4.55 -4.83
N LEU A 87 -12.36 -3.48 -4.03
CA LEU A 87 -11.90 -3.57 -2.65
C LEU A 87 -12.74 -4.54 -1.84
N GLU A 88 -14.04 -4.66 -2.15
CA GLU A 88 -14.86 -5.64 -1.46
C GLU A 88 -14.35 -7.05 -1.70
N ILE A 89 -13.92 -7.34 -2.93
CA ILE A 89 -13.37 -8.64 -3.25
C ILE A 89 -12.02 -8.82 -2.57
N PHE A 90 -11.18 -7.79 -2.60
CA PHE A 90 -9.89 -7.82 -1.91
C PHE A 90 -10.09 -8.13 -0.43
N ASN A 91 -11.04 -7.45 0.21
CA ASN A 91 -11.27 -7.69 1.63
C ASN A 91 -11.68 -9.13 1.88
N ARG A 92 -12.56 -9.68 1.03
CA ARG A 92 -12.96 -11.08 1.21
C ARG A 92 -11.76 -12.01 1.05
N ASN A 93 -10.90 -11.75 0.06
CA ASN A 93 -9.70 -12.56 -0.13
C ASN A 93 -8.82 -12.52 1.12
N ALA A 94 -8.58 -11.33 1.66
CA ALA A 94 -7.77 -11.20 2.85
C ALA A 94 -8.34 -12.04 4.00
N GLU A 95 -9.65 -12.00 4.17
CA GLU A 95 -10.29 -12.81 5.21
C GLU A 95 -10.14 -14.31 4.95
N GLU A 96 -10.35 -14.75 3.71
CA GLU A 96 -10.22 -16.18 3.44
C GLU A 96 -8.80 -16.68 3.67
N PHE A 97 -7.80 -15.84 3.42
CA PHE A 97 -6.42 -16.19 3.67
C PHE A 97 -5.98 -15.93 5.11
N GLU A 98 -6.87 -15.38 5.94
CA GLU A 98 -6.57 -15.09 7.35
C GLU A 98 -5.34 -14.21 7.47
N LEU A 99 -5.26 -13.20 6.61
CA LEU A 99 -4.17 -12.24 6.60
C LEU A 99 -4.61 -10.96 7.29
N THR A 100 -3.96 -10.62 8.40
CA THR A 100 -4.34 -9.46 9.18
C THR A 100 -3.37 -8.29 9.03
N ASN A 101 -2.29 -8.45 8.29
CA ASN A 101 -1.36 -7.36 8.04
C ASN A 101 -1.69 -6.62 6.75
N ILE A 102 -2.98 -6.37 6.50
CA ILE A 102 -3.47 -5.72 5.28
C ILE A 102 -4.43 -4.62 5.65
N ASP A 103 -4.40 -3.51 4.90
CA ASP A 103 -5.44 -2.48 4.94
C ASP A 103 -5.70 -2.05 3.50
N MET A 104 -6.76 -1.29 3.31
CA MET A 104 -7.06 -0.82 1.96
C MET A 104 -7.80 0.52 2.03
N VAL A 105 -7.66 1.27 0.94
CA VAL A 105 -8.13 2.65 0.84
C VAL A 105 -8.71 2.83 -0.56
N GLN A 106 -9.90 3.44 -0.62
CA GLN A 106 -10.49 3.81 -1.91
C GLN A 106 -10.05 5.23 -2.27
N CYS A 107 -9.45 5.39 -3.44
CA CYS A 107 -8.98 6.71 -3.86
C CYS A 107 -8.61 6.66 -5.33
N ASP A 108 -8.43 7.85 -5.92
CA ASP A 108 -7.85 7.99 -7.26
C ASP A 108 -6.36 8.24 -7.06
N VAL A 109 -5.54 7.29 -7.47
CA VAL A 109 -4.10 7.31 -7.24
C VAL A 109 -3.47 8.53 -7.91
N CSO A 110 -4.07 9.01 -8.99
CA CSO A 110 -3.55 10.21 -9.65
CB CSO A 110 -4.06 10.31 -11.10
SG CSO A 110 -3.88 8.77 -12.03
C CSO A 110 -3.86 11.52 -8.91
O CSO A 110 -3.37 12.57 -9.30
OD CSO A 110 -4.94 8.77 -13.47
N LEU A 111 -4.67 11.47 -7.84
CA LEU A 111 -5.09 12.67 -7.12
C LEU A 111 -4.75 12.70 -5.61
N LEU A 112 -3.76 11.94 -5.18
CA LEU A 112 -3.44 11.86 -3.76
C LEU A 112 -2.72 13.11 -3.28
N SER A 113 -3.01 13.52 -2.04
CA SER A 113 -2.40 14.73 -1.47
C SER A 113 -0.95 14.46 -1.06
N ASN A 114 -0.23 15.54 -0.73
CA ASN A 114 1.16 15.35 -0.33
C ASN A 114 1.31 14.68 1.04
N ARG A 115 0.21 14.38 1.72
CA ARG A 115 0.28 13.54 2.91
C ARG A 115 0.90 12.19 2.60
N MET A 116 0.78 11.71 1.37
CA MET A 116 1.33 10.41 1.02
C MET A 116 2.83 10.44 0.75
N SER A 117 3.46 11.60 0.80
CA SER A 117 4.88 11.68 0.43
C SER A 117 5.75 10.83 1.36
N LYS A 118 6.54 9.94 0.75
CA LYS A 118 7.56 9.16 1.45
C LYS A 118 6.96 8.45 2.67
N SER A 119 5.77 7.89 2.45
CA SER A 119 4.96 7.24 3.47
C SER A 119 5.13 5.74 3.49
N PHE A 120 5.78 5.16 2.48
CA PHE A 120 5.95 3.72 2.39
C PHE A 120 7.41 3.38 2.15
N ASP A 121 7.81 2.18 2.56
CA ASP A 121 9.13 1.71 2.16
C ASP A 121 9.17 1.34 0.69
N THR A 122 8.17 0.59 0.24
CA THR A 122 8.16 -0.03 -1.07
C THR A 122 6.78 0.19 -1.67
N VAL A 123 6.71 0.43 -2.98
CA VAL A 123 5.45 0.49 -3.68
C VAL A 123 5.51 -0.54 -4.81
N ILE A 124 4.45 -1.33 -4.95
CA ILE A 124 4.34 -2.34 -6.00
C ILE A 124 3.05 -2.05 -6.77
N MET A 125 3.04 -2.43 -8.06
CA MET A 125 1.83 -2.14 -8.83
C MET A 125 1.86 -2.83 -10.19
N ASN A 126 0.65 -3.15 -10.66
CA ASN A 126 0.33 -3.59 -12.02
C ASN A 126 -0.63 -2.54 -12.56
N PRO A 127 -0.13 -1.40 -13.00
CA PRO A 127 -1.01 -0.25 -13.30
C PRO A 127 -1.76 -0.41 -14.61
N PRO A 128 -2.85 0.32 -14.78
CA PRO A 128 -3.49 0.41 -16.10
C PRO A 128 -2.61 1.17 -17.08
N PHE A 129 -2.91 1.01 -18.37
CA PHE A 129 -2.11 1.59 -19.45
C PHE A 129 -2.83 2.65 -20.29
N GLY A 130 -4.13 2.84 -20.13
CA GLY A 130 -4.86 3.73 -21.01
C GLY A 130 -4.43 5.18 -20.89
N THR A 131 -4.63 5.94 -21.96
CA THR A 131 -4.25 7.34 -21.99
C THR A 131 -5.17 8.16 -21.11
N LYS A 132 -4.57 9.05 -20.31
CA LYS A 132 -5.33 10.02 -19.52
C LYS A 132 -4.61 11.35 -19.57
N ASN A 133 -5.32 12.38 -20.03
CA ASN A 133 -4.77 13.74 -20.16
C ASN A 133 -3.40 13.74 -20.85
N ASN A 134 -3.34 13.03 -21.99
CA ASN A 134 -2.20 12.98 -22.89
C ASN A 134 -1.02 12.16 -22.34
N LYS A 135 -1.24 11.39 -21.28
CA LYS A 135 -0.20 10.54 -20.70
C LYS A 135 -0.74 9.13 -20.48
N GLY A 136 0.14 8.13 -20.60
CA GLY A 136 -0.22 6.80 -20.18
C GLY A 136 -0.51 6.76 -18.68
N THR A 137 -1.61 6.13 -18.28
CA THR A 137 -1.97 6.09 -16.86
C THR A 137 -0.87 5.46 -16.00
N ASP A 138 -0.11 4.51 -16.56
CA ASP A 138 0.96 3.87 -15.81
C ASP A 138 2.09 4.84 -15.47
N MET A 139 2.30 5.86 -16.31
CA MET A 139 3.31 6.87 -16.00
C MET A 139 2.83 7.81 -14.91
N ALA A 140 1.51 8.08 -14.85
CA ALA A 140 0.97 8.86 -13.74
C ALA A 140 1.07 8.07 -12.44
N PHE A 141 0.73 6.79 -12.47
CA PHE A 141 0.94 5.93 -11.31
C PHE A 141 2.40 5.92 -10.89
N LEU A 142 3.32 5.87 -11.85
CA LEU A 142 4.74 5.81 -11.52
C LEU A 142 5.21 7.07 -10.80
N LYS A 143 4.81 8.25 -11.28
CA LYS A 143 5.19 9.47 -10.60
C LYS A 143 4.67 9.48 -9.16
N THR A 144 3.41 9.06 -8.97
CA THR A 144 2.84 8.98 -7.62
C THR A 144 3.61 7.99 -6.76
N ALA A 145 3.90 6.81 -7.31
CA ALA A 145 4.62 5.77 -6.57
C ALA A 145 5.99 6.25 -6.12
N LEU A 146 6.73 6.93 -6.99
CA LEU A 146 8.05 7.42 -6.64
C LEU A 146 7.96 8.46 -5.52
N GLU A 147 6.91 9.27 -5.51
N GLU A 147 6.89 9.25 -5.52
CA GLU A 147 6.74 10.22 -4.42
CA GLU A 147 6.72 10.24 -4.45
C GLU A 147 6.41 9.52 -3.12
C GLU A 147 6.35 9.56 -3.13
N MET A 148 5.63 8.43 -3.18
CA MET A 148 5.24 7.71 -1.97
C MET A 148 6.36 6.85 -1.39
N ALA A 149 7.24 6.31 -2.23
CA ALA A 149 8.19 5.28 -1.81
C ALA A 149 9.48 5.90 -1.29
N ARG A 150 9.95 5.38 -0.15
CA ARG A 150 11.24 5.81 0.38
C ARG A 150 12.40 5.07 -0.28
N THR A 151 12.21 3.80 -0.62
CA THR A 151 13.33 2.95 -1.02
C THR A 151 13.18 2.40 -2.43
N ALA A 152 12.03 1.84 -2.80
CA ALA A 152 11.95 1.19 -4.10
C ALA A 152 10.52 1.16 -4.59
N VAL A 153 10.39 1.21 -5.93
CA VAL A 153 9.12 0.99 -6.63
C VAL A 153 9.31 -0.18 -7.59
N TYR A 154 8.35 -1.12 -7.59
CA TYR A 154 8.36 -2.21 -8.56
C TYR A 154 7.09 -2.14 -9.39
N SER A 155 7.24 -2.09 -10.71
CA SER A 155 6.08 -1.89 -11.57
C SER A 155 6.23 -2.65 -12.87
N LEU A 156 5.09 -2.84 -13.53
CA LEU A 156 5.02 -3.51 -14.82
C LEU A 156 4.63 -2.48 -15.88
N HIS A 157 5.47 -2.33 -16.90
CA HIS A 157 5.23 -1.40 -18.00
C HIS A 157 5.43 -2.13 -19.32
N LYS A 158 4.69 -1.69 -20.35
CA LYS A 158 4.81 -2.33 -21.65
C LYS A 158 6.24 -2.23 -22.16
N SER A 159 6.77 -3.37 -22.62
CA SER A 159 8.14 -3.36 -23.14
C SER A 159 8.25 -2.43 -24.35
N SER A 160 7.16 -2.24 -25.09
CA SER A 160 7.19 -1.32 -26.21
C SER A 160 7.33 0.14 -25.77
N THR A 161 7.16 0.44 -24.48
CA THR A 161 7.34 1.80 -23.97
C THR A 161 8.62 1.96 -23.18
N ARG A 162 9.54 0.99 -23.27
CA ARG A 162 10.72 1.00 -22.40
C ARG A 162 11.54 2.27 -22.58
N GLU A 163 11.76 2.70 -23.83
CA GLU A 163 12.57 3.90 -24.06
C GLU A 163 11.98 5.12 -23.38
N HIS A 164 10.66 5.22 -23.36
CA HIS A 164 10.04 6.36 -22.70
C HIS A 164 10.22 6.31 -21.19
N VAL A 165 10.04 5.12 -20.60
CA VAL A 165 10.22 4.98 -19.17
C VAL A 165 11.65 5.31 -18.78
N GLN A 166 12.62 4.87 -19.60
CA GLN A 166 14.02 5.17 -19.31
C GLN A 166 14.30 6.67 -19.42
N LYS A 167 13.67 7.34 -20.38
CA LYS A 167 13.87 8.77 -20.54
C LYS A 167 13.30 9.53 -19.34
N LYS A 168 12.10 9.16 -18.88
CA LYS A 168 11.53 9.85 -17.72
C LYS A 168 12.35 9.61 -16.47
N ALA A 169 12.82 8.37 -16.28
CA ALA A 169 13.67 8.08 -15.13
C ALA A 169 14.93 8.94 -15.14
N ALA A 170 15.53 9.14 -16.32
CA ALA A 170 16.70 10.00 -16.41
C ALA A 170 16.35 11.44 -16.06
N GLU A 171 15.21 11.93 -16.56
CA GLU A 171 14.80 13.31 -16.27
C GLU A 171 14.50 13.51 -14.79
N TRP A 172 13.93 12.49 -14.14
CA TRP A 172 13.59 12.54 -12.73
C TRP A 172 14.78 12.22 -11.83
N LYS A 173 15.92 11.86 -12.41
CA LYS A 173 17.13 11.48 -11.66
C LYS A 173 16.83 10.34 -10.70
N ILE A 174 16.12 9.33 -11.23
CA ILE A 174 15.77 8.10 -10.53
C ILE A 174 16.57 6.96 -11.15
N LYS A 175 16.95 5.99 -10.32
CA LYS A 175 17.64 4.81 -10.84
C LYS A 175 16.62 3.80 -11.36
N ILE A 176 16.94 3.17 -12.48
CA ILE A 176 16.03 2.23 -13.12
C ILE A 176 16.78 0.96 -13.50
N ASP A 177 16.15 -0.19 -13.26
CA ASP A 177 16.72 -1.47 -13.66
C ASP A 177 15.61 -2.37 -14.18
N ILE A 178 15.74 -2.81 -15.43
N ILE A 178 15.73 -2.82 -15.43
CA ILE A 178 14.81 -3.78 -15.99
CA ILE A 178 14.78 -3.78 -15.98
C ILE A 178 15.21 -5.15 -15.45
C ILE A 178 15.20 -5.16 -15.46
N ILE A 179 14.37 -5.76 -14.61
CA ILE A 179 14.76 -7.01 -13.99
C ILE A 179 14.15 -8.25 -14.63
N ALA A 180 13.08 -8.11 -15.41
CA ALA A 180 12.57 -9.26 -16.15
C ALA A 180 11.72 -8.79 -17.32
N GLU A 181 11.66 -9.64 -18.33
CA GLU A 181 10.76 -9.48 -19.47
C GLU A 181 9.71 -10.58 -19.38
N LEU A 182 8.45 -10.18 -19.25
CA LEU A 182 7.38 -11.11 -18.94
C LEU A 182 6.27 -10.95 -19.99
N ARG A 183 5.32 -11.88 -19.95
CA ARG A 183 4.16 -11.77 -20.81
C ARG A 183 3.00 -12.46 -20.11
N TYR A 184 1.80 -11.97 -20.37
CA TYR A 184 0.61 -12.62 -19.86
C TYR A 184 -0.55 -12.28 -20.78
N ASP A 185 -1.61 -13.06 -20.70
CA ASP A 185 -2.75 -12.85 -21.57
C ASP A 185 -3.77 -11.97 -20.88
N LEU A 186 -4.41 -11.13 -21.67
CA LEU A 186 -5.48 -10.29 -21.17
C LEU A 186 -6.78 -11.10 -21.19
N PRO A 187 -7.80 -10.65 -20.45
CA PRO A 187 -9.10 -11.30 -20.56
C PRO A 187 -9.53 -11.37 -22.01
N ALA A 188 -10.21 -12.47 -22.37
CA ALA A 188 -10.50 -12.75 -23.78
C ALA A 188 -11.23 -11.59 -24.47
N SER A 189 -12.00 -10.82 -23.71
CA SER A 189 -12.78 -9.72 -24.27
C SER A 189 -11.92 -8.61 -24.86
N TYR A 190 -10.66 -8.52 -24.46
CA TYR A 190 -9.81 -7.39 -24.86
C TYR A 190 -9.34 -7.53 -26.29
N VAL A 198 -4.02 -9.87 -27.43
CA VAL A 198 -4.07 -11.18 -26.79
C VAL A 198 -2.97 -11.30 -25.74
N ASP A 199 -1.73 -11.34 -26.20
CA ASP A 199 -0.54 -11.34 -25.37
C ASP A 199 -0.14 -9.90 -25.09
N ILE A 200 0.42 -9.67 -23.90
CA ILE A 200 1.01 -8.37 -23.60
C ILE A 200 2.41 -8.62 -23.07
N GLU A 201 3.38 -7.93 -23.66
CA GLU A 201 4.77 -8.02 -23.24
C GLU A 201 5.08 -6.84 -22.32
N VAL A 202 5.44 -7.14 -21.08
CA VAL A 202 5.73 -6.11 -20.08
C VAL A 202 7.12 -6.35 -19.52
N ASP A 203 7.74 -5.25 -19.11
CA ASP A 203 8.95 -5.28 -18.31
C ASP A 203 8.57 -5.17 -16.84
N LEU A 204 9.20 -6.00 -16.01
CA LEU A 204 9.22 -5.79 -14.57
C LEU A 204 10.40 -4.88 -14.27
N ILE A 205 10.12 -3.72 -13.67
CA ILE A 205 11.14 -2.68 -13.50
C ILE A 205 11.26 -2.32 -12.02
N ARG A 206 12.49 -2.19 -11.55
CA ARG A 206 12.77 -1.72 -10.20
C ARG A 206 13.30 -0.29 -10.29
N PHE A 207 12.61 0.63 -9.64
CA PHE A 207 13.05 2.02 -9.56
C PHE A 207 13.58 2.26 -8.15
N SER A 208 14.68 2.99 -8.05
CA SER A 208 15.25 3.29 -6.75
C SER A 208 15.91 4.66 -6.79
N PHE A 209 16.48 5.08 -5.67
CA PHE A 209 16.90 6.46 -5.49
C PHE A 209 18.40 6.57 -5.23
N HIS A 210 18.99 7.67 -5.72
CA HIS A 210 20.37 8.00 -5.38
C HIS A 210 20.47 8.42 -3.91
N HIS A 211 21.60 8.07 -3.29
CA HIS A 211 21.81 8.38 -1.89
C HIS A 211 22.64 9.64 -1.71
N MET B 1 -9.84 0.26 9.05
CA MET B 1 -8.69 1.17 9.06
C MET B 1 -7.95 1.11 10.39
N LYS B 2 -6.68 0.69 10.33
CA LYS B 2 -5.81 0.68 11.49
C LYS B 2 -5.25 2.08 11.76
N LEU B 3 -4.76 2.29 12.98
CA LEU B 3 -4.26 3.63 13.29
C LEU B 3 -2.91 3.90 12.62
N LEU B 4 -2.11 2.87 12.31
CA LEU B 4 -0.92 3.14 11.50
C LEU B 4 -1.31 3.67 10.12
N THR B 5 -2.35 3.08 9.53
CA THR B 5 -2.85 3.56 8.24
C THR B 5 -3.40 4.98 8.35
N HIS B 6 -4.19 5.26 9.39
CA HIS B 6 -4.62 6.63 9.62
C HIS B 6 -3.43 7.57 9.68
N ASN B 7 -2.35 7.13 10.35
CA ASN B 7 -1.20 8.00 10.52
C ASN B 7 -0.54 8.26 9.17
N LEU B 8 -0.34 7.21 8.37
N LEU B 8 -0.40 7.23 8.35
CA LEU B 8 0.21 7.36 7.03
CA LEU B 8 0.24 7.39 7.05
C LEU B 8 -0.63 8.32 6.21
C LEU B 8 -0.61 8.23 6.10
N LEU B 9 -1.95 8.10 6.18
CA LEU B 9 -2.83 8.92 5.37
C LEU B 9 -2.84 10.37 5.84
N SER B 10 -2.51 10.61 7.11
CA SER B 10 -2.67 11.91 7.75
C SER B 10 -1.40 12.74 7.79
N SER B 11 -0.24 12.10 7.93
CA SER B 11 0.96 12.82 8.33
C SER B 11 1.61 13.54 7.15
N HIS B 12 2.42 14.55 7.48
CA HIS B 12 3.25 15.24 6.52
C HIS B 12 4.71 15.11 6.94
N VAL B 13 5.60 15.19 5.96
CA VAL B 13 7.01 15.33 6.26
C VAL B 13 7.26 16.74 6.79
N ARG B 14 7.72 16.85 8.04
CA ARG B 14 8.03 18.16 8.62
C ARG B 14 9.34 18.69 8.07
N GLY B 15 9.32 19.93 7.63
CA GLY B 15 10.50 20.57 7.07
C GLY B 15 10.43 22.07 7.24
N VAL B 16 10.98 22.79 6.27
CA VAL B 16 11.07 24.24 6.41
C VAL B 16 9.75 24.93 6.14
N GLY B 17 8.82 24.26 5.46
CA GLY B 17 7.53 24.84 5.14
C GLY B 17 6.58 24.79 6.33
N SER B 18 5.37 25.29 6.09
CA SER B 18 4.40 25.44 7.16
C SER B 18 3.81 24.10 7.55
N ARG B 19 3.23 24.06 8.75
CA ARG B 19 2.71 22.83 9.33
C ARG B 19 1.56 22.28 8.51
N GLY B 20 1.58 20.96 8.26
CA GLY B 20 0.43 20.28 7.70
C GLY B 20 -0.42 19.66 8.79
N PHE B 21 -1.68 19.34 8.45
CA PHE B 21 -2.62 18.87 9.45
C PHE B 21 -3.22 17.51 9.10
N PRO B 22 -3.55 16.70 10.10
CA PRO B 22 -4.03 15.35 9.84
C PRO B 22 -5.52 15.32 9.53
N LEU B 23 -5.98 14.16 9.07
CA LEU B 23 -7.39 13.90 8.93
C LEU B 23 -7.97 13.60 10.31
N ARG B 24 -9.07 14.26 10.66
CA ARG B 24 -9.66 14.07 11.98
C ARG B 24 -10.60 12.87 11.94
N LEU B 25 -10.35 11.90 12.82
CA LEU B 25 -11.13 10.67 12.86
C LEU B 25 -12.30 10.83 13.81
N GLN B 26 -13.48 10.42 13.36
CA GLN B 26 -14.65 10.25 14.22
C GLN B 26 -15.26 8.89 13.91
N ALA B 27 -15.07 7.94 14.82
CA ALA B 27 -15.50 6.56 14.61
C ALA B 27 -16.86 6.28 15.23
N THR B 28 -17.66 5.44 14.57
CA THR B 28 -18.92 4.97 15.13
C THR B 28 -18.95 3.46 15.33
N GLU B 29 -18.04 2.70 14.73
CA GLU B 29 -17.92 1.28 15.02
C GLU B 29 -16.46 0.88 14.86
N VAL B 30 -15.97 0.09 15.83
CA VAL B 30 -14.59 -0.36 15.86
C VAL B 30 -14.61 -1.88 16.05
N ARG B 31 -13.52 -2.53 15.66
CA ARG B 31 -13.30 -3.92 16.05
C ARG B 31 -11.84 -4.14 16.41
N ILE B 32 -11.61 -5.21 17.16
CA ILE B 32 -10.24 -5.60 17.50
C ILE B 32 -9.83 -6.77 16.63
N CSO B 33 -8.70 -6.65 15.92
CA CSO B 33 -8.15 -7.77 15.14
CB CSO B 33 -8.18 -7.48 13.65
SG CSO B 33 -9.86 -7.21 13.13
C CSO B 33 -6.73 -8.11 15.53
O CSO B 33 -5.82 -7.30 15.34
OD CSO B 33 -10.14 -5.47 13.05
N PRO B 34 -6.54 -9.32 16.05
CA PRO B 34 -5.19 -9.79 16.36
C PRO B 34 -4.32 -9.79 15.12
N VAL B 35 -3.17 -9.15 15.24
CA VAL B 35 -2.15 -9.14 14.21
C VAL B 35 -0.90 -9.77 14.81
N GLU B 36 -0.23 -10.63 14.05
CA GLU B 36 0.99 -11.24 14.55
C GLU B 36 2.00 -10.16 14.94
N PHE B 37 2.48 -10.26 16.18
CA PHE B 37 3.39 -9.27 16.73
C PHE B 37 4.75 -9.36 16.03
N ASN B 38 5.14 -8.28 15.36
CA ASN B 38 6.41 -8.15 14.67
C ASN B 38 7.19 -7.04 15.37
N PRO B 39 7.95 -7.35 16.42
CA PRO B 39 8.60 -6.26 17.19
C PRO B 39 9.63 -5.47 16.41
N ASN B 40 10.38 -6.11 15.51
CA ASN B 40 11.30 -5.38 14.65
C ASN B 40 10.55 -4.36 13.79
N PHE B 41 9.38 -4.74 13.29
CA PHE B 41 8.58 -3.81 12.49
C PHE B 41 8.08 -2.64 13.33
N VAL B 42 7.52 -2.94 14.51
CA VAL B 42 7.00 -1.88 15.37
C VAL B 42 8.11 -0.90 15.73
N ALA B 43 9.29 -1.43 16.03
CA ALA B 43 10.41 -0.57 16.41
C ALA B 43 10.79 0.39 15.29
N ARG B 44 10.81 -0.09 14.04
CA ARG B 44 11.18 0.86 12.99
C ARG B 44 10.04 1.81 12.64
N MET B 45 8.80 1.50 13.04
CA MET B 45 7.71 2.45 12.81
C MET B 45 7.71 3.59 13.83
N ILE B 46 8.23 3.35 15.04
CA ILE B 46 8.11 4.35 16.11
C ILE B 46 8.60 5.74 15.67
N PRO B 47 9.79 5.91 15.09
CA PRO B 47 10.23 7.26 14.72
C PRO B 47 9.44 7.86 13.56
N LYS B 48 8.62 7.07 12.87
CA LYS B 48 7.85 7.56 11.74
C LYS B 48 6.44 7.98 12.12
N VAL B 49 6.00 7.69 13.34
CA VAL B 49 4.65 8.05 13.76
C VAL B 49 4.59 9.55 14.00
N GLU B 50 3.54 10.19 13.47
CA GLU B 50 3.24 11.57 13.80
C GLU B 50 2.40 11.50 15.08
N TRP B 51 3.03 11.83 16.21
N TRP B 51 3.02 11.82 16.21
CA TRP B 51 2.43 11.50 17.50
CA TRP B 51 2.39 11.45 17.48
C TRP B 51 1.13 12.26 17.74
C TRP B 51 1.15 12.27 17.78
N SER B 52 1.12 13.56 17.39
CA SER B 52 -0.08 14.35 17.65
C SER B 52 -1.30 13.78 16.94
N ALA B 53 -1.13 13.32 15.69
CA ALA B 53 -2.25 12.71 14.98
C ALA B 53 -2.65 11.40 15.61
N PHE B 54 -1.66 10.59 16.00
CA PHE B 54 -1.94 9.32 16.67
C PHE B 54 -2.70 9.53 17.97
N LEU B 55 -2.27 10.49 18.79
CA LEU B 55 -2.96 10.71 20.07
C LEU B 55 -4.38 11.23 19.86
N GLU B 56 -4.59 12.10 18.87
CA GLU B 56 -5.92 12.62 18.61
C GLU B 56 -6.88 11.49 18.19
N ALA B 57 -6.42 10.65 17.26
CA ALA B 57 -7.24 9.52 16.82
C ALA B 57 -7.47 8.54 17.97
N ALA B 58 -6.44 8.27 18.77
CA ALA B 58 -6.63 7.34 19.88
C ALA B 58 -7.63 7.88 20.89
N ASP B 59 -7.61 9.20 21.12
CA ASP B 59 -8.58 9.82 22.03
C ASP B 59 -10.00 9.68 21.51
N ASN B 60 -10.21 9.85 20.19
CA ASN B 60 -11.55 9.70 19.65
C ASN B 60 -12.07 8.28 19.86
N LEU B 61 -11.18 7.30 19.76
CA LEU B 61 -11.54 5.90 19.92
C LEU B 61 -11.64 5.48 21.38
N ARG B 62 -11.47 6.41 22.31
CA ARG B 62 -11.59 6.12 23.73
C ARG B 62 -10.52 5.10 24.19
N LEU B 63 -9.37 5.09 23.54
CA LEU B 63 -8.25 4.29 24.03
C LEU B 63 -7.63 4.97 25.25
N ILE B 64 -7.05 4.17 26.14
CA ILE B 64 -6.62 4.70 27.42
C ILE B 64 -5.15 4.37 27.67
N GLN B 65 -4.55 5.15 28.57
CA GLN B 65 -3.15 4.96 28.97
C GLN B 65 -2.20 4.99 27.78
N VAL B 66 -2.54 5.75 26.75
CA VAL B 66 -1.79 5.71 25.49
C VAL B 66 -0.44 6.39 25.70
N PRO B 67 0.67 5.74 25.31
CA PRO B 67 2.00 6.38 25.45
C PRO B 67 2.02 7.71 24.72
N LYS B 68 2.55 8.73 25.39
CA LYS B 68 2.53 10.07 24.81
C LYS B 68 3.75 10.37 23.95
N GLY B 69 4.65 9.40 23.77
CA GLY B 69 5.78 9.50 22.87
C GLY B 69 6.69 8.31 23.06
N PRO B 70 7.80 8.25 22.31
CA PRO B 70 8.74 7.14 22.50
C PRO B 70 9.41 7.17 23.86
N VAL B 71 9.54 5.99 24.47
CA VAL B 71 10.18 5.88 25.78
C VAL B 71 11.68 5.65 25.58
N GLU B 72 12.44 5.70 26.67
CA GLU B 72 13.89 5.51 26.59
C GLU B 72 14.21 4.06 26.24
N GLY B 73 15.11 3.87 25.29
CA GLY B 73 15.50 2.53 24.87
C GLY B 73 14.32 1.68 24.43
N TYR B 74 13.40 2.27 23.67
CA TYR B 74 12.17 1.57 23.33
C TYR B 74 12.42 0.38 22.41
N GLU B 75 13.54 0.35 21.68
CA GLU B 75 13.83 -0.82 20.86
C GLU B 75 14.02 -2.08 21.68
N GLU B 76 14.35 -1.95 22.97
CA GLU B 76 14.53 -3.08 23.86
C GLU B 76 13.39 -3.19 24.88
N ASN B 77 12.34 -2.38 24.74
CA ASN B 77 11.24 -2.37 25.69
C ASN B 77 10.08 -3.15 25.07
N GLU B 78 10.01 -4.45 25.41
CA GLU B 78 8.99 -5.28 24.78
C GLU B 78 7.59 -4.82 25.15
N GLU B 79 7.39 -4.34 26.38
CA GLU B 79 6.06 -3.90 26.79
C GLU B 79 5.61 -2.69 25.97
N PHE B 80 6.51 -1.72 25.78
CA PHE B 80 6.17 -0.56 24.94
C PHE B 80 5.88 -0.98 23.51
N LEU B 81 6.69 -1.87 22.95
CA LEU B 81 6.48 -2.29 21.57
C LEU B 81 5.17 -3.06 21.43
N ARG B 82 4.85 -3.90 22.42
CA ARG B 82 3.59 -4.66 22.39
C ARG B 82 2.39 -3.74 22.47
N THR B 83 2.46 -2.74 23.35
CA THR B 83 1.38 -1.77 23.47
C THR B 83 1.19 -1.01 22.15
N MET B 84 2.28 -0.51 21.58
CA MET B 84 2.17 0.24 20.33
C MET B 84 1.73 -0.66 19.17
N HIS B 85 2.11 -1.94 19.19
CA HIS B 85 1.61 -2.88 18.19
C HIS B 85 0.09 -2.94 18.25
N HIS B 86 -0.45 -3.07 19.46
CA HIS B 86 -1.89 -3.17 19.60
C HIS B 86 -2.58 -1.90 19.12
N LEU B 87 -2.08 -0.75 19.58
CA LEU B 87 -2.74 0.51 19.28
C LEU B 87 -2.62 0.88 17.81
N LEU B 88 -1.49 0.56 17.16
CA LEU B 88 -1.28 0.94 15.76
C LEU B 88 -1.85 -0.06 14.76
N LEU B 89 -1.96 -1.34 15.14
CA LEU B 89 -2.29 -2.36 14.16
C LEU B 89 -3.53 -3.18 14.48
N GLU B 90 -3.96 -3.22 15.74
CA GLU B 90 -5.03 -4.14 16.15
C GLU B 90 -6.36 -3.46 16.44
N VAL B 91 -6.43 -2.14 16.46
CA VAL B 91 -7.68 -1.42 16.71
C VAL B 91 -8.13 -0.88 15.36
N GLU B 92 -9.19 -1.45 14.81
CA GLU B 92 -9.59 -1.15 13.44
C GLU B 92 -10.89 -0.37 13.46
N VAL B 93 -10.89 0.78 12.80
CA VAL B 93 -12.11 1.55 12.58
C VAL B 93 -12.89 0.94 11.43
N ILE B 94 -14.12 0.53 11.69
CA ILE B 94 -14.97 -0.10 10.69
C ILE B 94 -15.93 0.91 10.06
N GLU B 95 -16.57 1.74 10.88
CA GLU B 95 -17.45 2.78 10.38
C GLU B 95 -17.06 4.10 11.02
N GLY B 96 -17.05 5.16 10.23
CA GLY B 96 -16.66 6.45 10.78
C GLY B 96 -16.47 7.45 9.67
N THR B 97 -15.81 8.56 10.02
CA THR B 97 -15.50 9.59 9.05
C THR B 97 -14.08 10.09 9.27
N LEU B 98 -13.49 10.62 8.19
CA LEU B 98 -12.25 11.37 8.24
C LEU B 98 -12.54 12.77 7.74
N GLN B 99 -12.24 13.78 8.55
CA GLN B 99 -12.51 15.16 8.17
C GLN B 99 -11.26 15.80 7.57
N CYS B 100 -11.42 16.37 6.39
CA CYS B 100 -10.33 17.05 5.72
C CYS B 100 -10.12 18.43 6.31
N PRO B 101 -8.93 18.76 6.82
CA PRO B 101 -8.77 20.07 7.47
C PRO B 101 -8.84 21.26 6.52
N GLU B 102 -8.47 21.09 5.24
CA GLU B 102 -8.51 22.20 4.30
C GLU B 102 -9.91 22.47 3.77
N SER B 103 -10.83 21.53 3.96
CA SER B 103 -12.14 21.63 3.33
C SER B 103 -13.29 21.54 4.33
N GLY B 104 -13.09 20.81 5.42
CA GLY B 104 -14.20 20.50 6.30
C GLY B 104 -15.06 19.36 5.81
N ARG B 105 -14.77 18.80 4.64
CA ARG B 105 -15.57 17.70 4.12
C ARG B 105 -15.27 16.41 4.86
N MET B 106 -16.29 15.56 4.95
CA MET B 106 -16.20 14.29 5.66
C MET B 106 -16.04 13.18 4.65
N PHE B 107 -15.03 12.38 4.82
CA PHE B 107 -14.89 11.20 3.97
C PHE B 107 -15.28 9.96 4.74
N PRO B 108 -16.16 9.12 4.20
CA PRO B 108 -16.68 7.99 4.98
C PRO B 108 -15.69 6.85 5.07
N ILE B 109 -15.65 6.24 6.25
CA ILE B 109 -15.03 4.92 6.43
C ILE B 109 -16.17 3.93 6.54
N SER B 110 -16.19 2.93 5.66
CA SER B 110 -17.26 1.94 5.67
C SER B 110 -16.66 0.56 5.45
N ARG B 111 -17.08 -0.42 6.26
CA ARG B 111 -16.51 -1.76 6.23
C ARG B 111 -15.00 -1.70 6.38
N GLY B 112 -14.52 -0.75 7.16
CA GLY B 112 -13.10 -0.60 7.41
C GLY B 112 -12.32 0.14 6.34
N ILE B 113 -12.96 0.57 5.25
CA ILE B 113 -12.25 1.17 4.13
C ILE B 113 -12.56 2.66 4.07
N PRO B 114 -11.56 3.54 4.21
CA PRO B 114 -11.80 4.97 3.95
C PRO B 114 -12.01 5.19 2.46
N ASN B 115 -13.04 5.94 2.11
CA ASN B 115 -13.30 6.33 0.74
C ASN B 115 -12.91 7.79 0.59
N MET B 116 -11.72 8.04 0.05
CA MET B 116 -11.20 9.38 -0.19
C MET B 116 -11.58 9.93 -1.56
N LEU B 117 -12.41 9.20 -2.31
CA LEU B 117 -12.74 9.62 -3.67
C LEU B 117 -13.79 10.73 -3.62
N LEU B 118 -13.52 11.81 -4.34
CA LEU B 118 -14.52 12.86 -4.52
C LEU B 118 -15.40 12.57 -5.72
N SAM C . -2.89 -6.17 -9.01
CA SAM C . -4.31 -6.08 -9.38
C SAM C . -5.12 -7.31 -9.04
O SAM C . -4.53 -8.35 -8.72
OXT SAM C . -6.36 -7.30 -9.09
CB SAM C . -4.43 -5.83 -10.87
CG SAM C . -4.50 -4.38 -11.25
SD SAM C . -5.72 -4.09 -12.56
CE SAM C . -4.65 -4.41 -13.96
C5' SAM C . -5.70 -2.28 -12.47
C4' SAM C . -6.42 -1.73 -11.23
O4' SAM C . -6.32 -0.32 -11.26
C3' SAM C . -7.92 -2.02 -11.23
O3' SAM C . -8.26 -2.72 -10.05
C2' SAM C . -8.61 -0.65 -11.30
O2' SAM C . -9.79 -0.48 -10.54
C1' SAM C . -7.52 0.25 -10.74
N9 SAM C . -7.54 1.65 -11.16
C8 SAM C . -7.74 2.18 -12.42
N7 SAM C . -7.60 3.52 -12.36
C5 SAM C . -7.29 3.85 -11.07
C6 SAM C . -7.04 5.06 -10.43
N6 SAM C . -7.06 6.23 -11.09
N1 SAM C . -6.75 5.06 -9.08
C2 SAM C . -6.71 3.89 -8.38
N3 SAM C . -6.96 2.69 -9.01
C4 SAM C . -7.25 2.68 -10.33
C1 EDO D . 5.49 5.72 8.21
O1 EDO D . 6.11 6.66 7.34
C2 EDO D . 5.88 4.32 7.79
O2 EDO D . 5.57 4.16 6.41
C1 EDO E . 1.23 11.26 -3.81
O1 EDO E . 1.47 12.09 -4.95
C2 EDO E . 2.32 11.49 -2.78
O2 EDO E . 2.39 12.88 -2.45
C1 EDO F . 20.73 -4.92 -5.18
O1 EDO F . 20.72 -3.55 -5.65
C2 EDO F . 19.97 -5.02 -3.87
O2 EDO F . 20.11 -6.36 -3.36
S SO4 G . 18.68 0.56 -2.80
O1 SO4 G . 17.77 -0.22 -1.98
O2 SO4 G . 18.48 0.22 -4.20
O3 SO4 G . 20.06 0.26 -2.42
O4 SO4 G . 18.44 1.99 -2.60
S SO4 H . 24.03 6.15 -5.77
O1 SO4 H . 23.12 5.39 -4.92
O2 SO4 H . 23.75 5.87 -7.17
O3 SO4 H . 25.41 5.74 -5.47
O4 SO4 H . 23.87 7.57 -5.49
C1 EDO I . 3.77 15.07 16.47
O1 EDO I . 3.49 16.19 17.31
C2 EDO I . 5.13 14.48 16.85
O2 EDO I . 5.45 13.37 15.99
C1 EDO J . 4.44 19.89 6.82
O1 EDO J . 5.48 19.48 5.94
C2 EDO J . 4.63 19.20 8.17
O2 EDO J . 3.51 19.47 9.01
#